data_4YN1
#
_entry.id   4YN1
#
_cell.length_a   71.887
_cell.length_b   71.887
_cell.length_c   127.996
_cell.angle_alpha   90.00
_cell.angle_beta   90.00
_cell.angle_gamma   90.00
#
_symmetry.space_group_name_H-M   'P 41 21 2'
#
loop_
_entity.id
_entity.type
_entity.pdbx_description
1 polymer Fusolin
2 branched beta-D-mannopyranose-(1-4)-2-acetamido-2-deoxy-beta-D-glucopyranose-(1-4)-2-acetamido-2-deoxy-beta-D-glucopyranose
3 non-polymer 1,2-ETHANEDIOL
4 water water
#
_entity_poly.entity_id   1
_entity_poly.type   'polypeptide(L)'
_entity_poly.pdbx_seq_one_letter_code
;HGYVTFPIARQRRCNVQGGFWWPPEGTNIPDPMCRAAYQYVFNKVLSEGGSTSQAASAAQYMFQQDNEYAALAGPNFRDI
CWIKEQVVPDYLCAAGADTWRIRPFGDKTGMDIVGSWPPTVIPLENNFVNTIPIELEFCPTAIHEPSYFEVYVTTPEFNV
YRDKVTWPLLELVFNSTVPLVNRRADSLCTANARVYRMIVPVPYRQTQFVIYVRWQRIDPVGEGFYNCVDAVFANRPGPD
PEDMIPPPPAEEDCDYTDSQGNRYCPFSTFSNSYYSNREHYNHKHDYNRYSNYYDHNTYTYNYGKYNKNKYSDTTYNNRA
WEIAYAGYTEDHTGLNRQTECDGISRFCVSTVRNRVY
;
_entity_poly.pdbx_strand_id   A
#
loop_
_chem_comp.id
_chem_comp.type
_chem_comp.name
_chem_comp.formula
BMA D-saccharide, beta linking beta-D-mannopyranose 'C6 H12 O6'
EDO non-polymer 1,2-ETHANEDIOL 'C2 H6 O2'
NAG D-saccharide, beta linking 2-acetamido-2-deoxy-beta-D-glucopyranose 'C8 H15 N O6'
#
# COMPACT_ATOMS: atom_id res chain seq x y z
N HIS A 1 -6.92 -3.63 -14.13
CA HIS A 1 -5.60 -4.00 -13.61
C HIS A 1 -4.71 -2.79 -13.50
N GLY A 2 -3.91 -2.76 -12.46
CA GLY A 2 -2.96 -1.67 -12.26
C GLY A 2 -2.54 -1.53 -10.83
N TYR A 3 -1.83 -0.45 -10.55
CA TYR A 3 -1.31 -0.19 -9.22
C TYR A 3 -0.98 1.29 -9.02
N VAL A 4 -0.80 1.67 -7.77
CA VAL A 4 -0.46 3.05 -7.45
C VAL A 4 1.02 3.23 -7.71
N THR A 5 1.39 4.24 -8.51
CA THR A 5 2.80 4.53 -8.75
C THR A 5 3.27 5.69 -7.90
N PHE A 6 2.37 6.59 -7.54
CA PHE A 6 2.73 7.67 -6.64
C PHE A 6 1.62 7.98 -5.67
N PRO A 7 1.91 8.01 -4.36
CA PRO A 7 3.07 7.41 -3.66
C PRO A 7 3.03 5.91 -3.99
N ILE A 8 4.19 5.33 -4.22
CA ILE A 8 4.25 3.95 -4.69
C ILE A 8 3.53 2.93 -3.78
N ALA A 9 2.73 2.02 -4.40
CA ALA A 9 2.04 0.97 -3.66
C ALA A 9 3.07 0.00 -3.08
N ARG A 10 2.72 -0.58 -1.95
CA ARG A 10 3.59 -1.45 -1.21
C ARG A 10 4.00 -2.65 -2.06
N GLN A 11 3.05 -3.26 -2.75
CA GLN A 11 3.36 -4.46 -3.53
C GLN A 11 4.10 -4.13 -4.82
N ARG A 12 3.87 -2.95 -5.38
CA ARG A 12 4.54 -2.48 -6.58
C ARG A 12 6.03 -2.22 -6.27
N ARG A 13 6.29 -1.58 -5.13
CA ARG A 13 7.65 -1.38 -4.68
C ARG A 13 8.40 -2.71 -4.54
N CYS A 14 7.80 -3.73 -3.94
CA CYS A 14 8.48 -5.02 -3.82
C CYS A 14 8.78 -5.63 -5.21
N ASN A 15 7.81 -5.59 -6.12
CA ASN A 15 8.01 -6.13 -7.46
C ASN A 15 9.14 -5.42 -8.17
N VAL A 16 9.16 -4.09 -8.14
CA VAL A 16 10.19 -3.25 -8.79
C VAL A 16 11.62 -3.54 -8.31
N GLN A 17 11.79 -3.75 -7.01
CA GLN A 17 13.12 -4.03 -6.46
C GLN A 17 13.68 -5.38 -6.87
N GLY A 18 12.80 -6.30 -7.27
CA GLY A 18 13.20 -7.59 -7.79
C GLY A 18 13.91 -8.49 -6.82
N GLY A 19 14.74 -9.36 -7.39
CA GLY A 19 15.54 -10.31 -6.65
C GLY A 19 14.81 -11.55 -6.19
N PHE A 20 13.53 -11.65 -6.50
CA PHE A 20 12.67 -12.71 -6.02
C PHE A 20 12.55 -13.91 -6.96
N TRP A 21 13.13 -13.87 -8.15
CA TRP A 21 13.01 -14.98 -9.09
C TRP A 21 13.95 -16.11 -8.75
N TRP A 22 15.07 -15.81 -8.13
CA TRP A 22 16.06 -16.81 -7.80
C TRP A 22 16.99 -16.26 -6.71
N PRO A 23 17.46 -17.05 -5.72
CA PRO A 23 17.06 -18.42 -5.37
C PRO A 23 15.57 -18.47 -5.00
N PRO A 24 14.98 -19.66 -5.05
CA PRO A 24 13.55 -19.77 -4.69
C PRO A 24 13.20 -19.39 -3.25
N GLU A 25 14.16 -19.41 -2.31
CA GLU A 25 13.90 -19.08 -0.91
C GLU A 25 13.73 -17.55 -0.63
N GLY A 26 13.95 -16.68 -1.62
CA GLY A 26 13.81 -15.23 -1.47
C GLY A 26 15.03 -14.50 -0.94
N THR A 27 16.18 -15.22 -0.84
CA THR A 27 17.41 -14.66 -0.30
C THR A 27 18.03 -13.54 -1.11
N ASN A 28 17.67 -13.34 -2.39
CA ASN A 28 18.20 -12.23 -3.16
C ASN A 28 17.27 -11.00 -3.12
N ILE A 29 16.17 -11.03 -2.33
CA ILE A 29 15.25 -9.89 -2.19
C ILE A 29 15.95 -8.87 -1.30
N PRO A 30 16.20 -7.65 -1.79
CA PRO A 30 17.01 -6.72 -1.00
C PRO A 30 16.34 -6.07 0.19
N ASP A 31 15.06 -5.72 0.10
CA ASP A 31 14.39 -5.06 1.21
C ASP A 31 13.98 -6.06 2.23
N PRO A 32 14.30 -5.82 3.52
CA PRO A 32 13.91 -6.77 4.57
C PRO A 32 12.41 -7.05 4.68
N MET A 33 11.56 -6.04 4.49
CA MET A 33 10.12 -6.28 4.62
C MET A 33 9.59 -7.00 3.40
N CYS A 34 10.04 -6.66 2.19
CA CYS A 34 9.63 -7.42 1.00
C CYS A 34 10.06 -8.87 1.13
N ARG A 35 11.27 -9.07 1.64
CA ARG A 35 11.82 -10.43 1.83
C ARG A 35 10.99 -11.21 2.82
N ALA A 36 10.58 -10.56 3.91
CA ALA A 36 9.70 -11.18 4.90
C ALA A 36 8.34 -11.55 4.31
N ALA A 37 7.76 -10.68 3.48
CA ALA A 37 6.51 -10.98 2.79
C ALA A 37 6.63 -12.23 1.95
N TYR A 38 7.66 -12.31 1.12
CA TYR A 38 7.91 -13.45 0.24
C TYR A 38 8.07 -14.73 1.07
N GLN A 39 8.95 -14.65 2.06
CA GLN A 39 9.26 -15.79 2.90
C GLN A 39 8.09 -16.27 3.72
N TYR A 40 7.19 -15.38 4.09
CA TYR A 40 5.97 -15.74 4.80
C TYR A 40 5.12 -16.69 3.94
N VAL A 41 4.90 -16.29 2.70
CA VAL A 41 4.07 -17.11 1.80
C VAL A 41 4.80 -18.41 1.46
N PHE A 42 6.08 -18.31 1.20
CA PHE A 42 6.92 -19.48 0.86
C PHE A 42 6.82 -20.48 2.00
N ASN A 43 7.07 -20.03 3.26
CA ASN A 43 6.97 -20.91 4.43
C ASN A 43 5.54 -21.39 4.74
N LYS A 44 4.53 -20.60 4.39
CA LYS A 44 3.13 -21.03 4.58
C LYS A 44 2.84 -22.22 3.64
N VAL A 45 3.28 -22.13 2.39
CA VAL A 45 3.02 -23.22 1.45
C VAL A 45 3.73 -24.51 1.90
N LEU A 46 5.00 -24.42 2.30
CA LEU A 46 5.75 -25.59 2.78
C LEU A 46 5.10 -26.19 4.00
N SER A 47 4.57 -25.33 4.92
CA SER A 47 3.89 -25.81 6.13
C SER A 47 2.60 -26.57 5.83
N GLU A 48 1.93 -26.28 4.67
CA GLU A 48 0.70 -26.95 4.26
C GLU A 48 0.95 -28.21 3.39
N GLY A 49 2.21 -28.59 3.20
CA GLY A 49 2.58 -29.78 2.45
C GLY A 49 2.86 -29.56 0.98
N GLY A 50 3.21 -28.33 0.62
CA GLY A 50 3.57 -28.02 -0.76
C GLY A 50 5.04 -28.24 -0.96
N SER A 51 5.41 -28.45 -2.22
CA SER A 51 6.82 -28.61 -2.57
C SER A 51 7.48 -27.24 -2.60
N THR A 52 8.81 -27.24 -2.67
CA THR A 52 9.60 -26.02 -2.80
C THR A 52 9.21 -25.28 -4.08
N SER A 53 8.91 -26.03 -5.18
CA SER A 53 8.49 -25.41 -6.45
C SER A 53 7.16 -24.72 -6.28
N GLN A 54 6.21 -25.37 -5.61
CA GLN A 54 4.89 -24.79 -5.35
C GLN A 54 5.01 -23.56 -4.44
N ALA A 55 5.89 -23.64 -3.44
CA ALA A 55 6.13 -22.55 -2.47
C ALA A 55 6.79 -21.36 -3.15
N ALA A 56 7.81 -21.60 -4.00
CA ALA A 56 8.46 -20.50 -4.73
C ALA A 56 7.44 -19.88 -5.70
N SER A 57 6.65 -20.73 -6.37
CA SER A 57 5.65 -20.25 -7.31
C SER A 57 4.61 -19.33 -6.63
N ALA A 58 4.08 -19.76 -5.48
CA ALA A 58 3.08 -19.00 -4.72
C ALA A 58 3.66 -17.65 -4.27
N ALA A 59 4.90 -17.64 -3.78
CA ALA A 59 5.52 -16.40 -3.30
C ALA A 59 5.85 -15.46 -4.45
N GLN A 60 6.32 -16.03 -5.57
CA GLN A 60 6.61 -15.23 -6.76
C GLN A 60 5.37 -14.62 -7.37
N TYR A 61 4.27 -15.38 -7.35
CA TYR A 61 2.98 -14.96 -7.89
C TYR A 61 2.53 -13.67 -7.17
N MET A 62 2.70 -13.62 -5.85
CA MET A 62 2.37 -12.43 -5.06
C MET A 62 3.08 -11.18 -5.53
N PHE A 63 4.35 -11.29 -5.91
CA PHE A 63 5.10 -10.14 -6.42
C PHE A 63 4.80 -9.87 -7.88
N GLN A 64 4.74 -10.94 -8.69
CA GLN A 64 4.51 -10.81 -10.13
C GLN A 64 3.16 -10.18 -10.45
N GLN A 65 2.13 -10.56 -9.73
CA GLN A 65 0.77 -10.03 -9.91
C GLN A 65 0.54 -8.70 -9.18
N ASP A 66 1.52 -7.80 -9.17
CA ASP A 66 1.39 -6.49 -8.51
C ASP A 66 0.27 -5.62 -9.10
N ASN A 67 -0.20 -5.92 -10.34
CA ASN A 67 -1.31 -5.24 -10.96
C ASN A 67 -2.66 -5.94 -10.77
N GLU A 68 -2.69 -7.07 -10.06
CA GLU A 68 -3.92 -7.84 -9.81
C GLU A 68 -4.18 -8.11 -8.34
N TYR A 69 -4.07 -7.05 -7.51
CA TYR A 69 -4.45 -7.12 -6.11
C TYR A 69 -5.93 -6.79 -6.13
N ALA A 70 -6.71 -7.78 -6.53
CA ALA A 70 -8.11 -7.64 -6.81
C ALA A 70 -9.02 -8.56 -6.05
N ALA A 71 -10.29 -8.22 -6.03
CA ALA A 71 -11.36 -9.05 -5.44
C ALA A 71 -12.64 -8.80 -6.18
N LEU A 72 -13.48 -9.84 -6.31
CA LEU A 72 -14.74 -9.72 -7.02
C LEU A 72 -15.87 -9.42 -6.06
N ALA A 73 -16.49 -8.27 -6.20
CA ALA A 73 -17.59 -7.88 -5.32
C ALA A 73 -18.99 -8.32 -5.79
N GLY A 74 -19.15 -8.55 -7.11
CA GLY A 74 -20.49 -8.82 -7.63
C GLY A 74 -21.25 -7.52 -7.77
N PRO A 75 -22.56 -7.59 -8.08
CA PRO A 75 -23.32 -6.35 -8.33
C PRO A 75 -23.56 -5.41 -7.16
N ASN A 76 -23.30 -5.82 -5.92
CA ASN A 76 -23.47 -4.95 -4.73
C ASN A 76 -22.21 -4.09 -4.43
N PHE A 77 -21.26 -3.98 -5.38
CA PHE A 77 -20.00 -3.24 -5.21
C PHE A 77 -20.08 -1.83 -4.64
N ARG A 78 -21.18 -1.07 -4.88
CA ARG A 78 -21.29 0.30 -4.39
C ARG A 78 -21.44 0.39 -2.89
N ASP A 79 -21.91 -0.68 -2.27
CA ASP A 79 -22.18 -0.74 -0.84
C ASP A 79 -20.91 -1.09 -0.08
N ILE A 80 -20.29 -0.11 0.56
CA ILE A 80 -19.06 -0.37 1.33
C ILE A 80 -19.25 -1.40 2.44
N CYS A 81 -20.47 -1.51 3.03
CA CYS A 81 -20.72 -2.54 4.05
C CYS A 81 -20.58 -3.94 3.49
N TRP A 82 -21.04 -4.14 2.24
CA TRP A 82 -20.89 -5.40 1.52
C TRP A 82 -19.37 -5.68 1.29
N ILE A 83 -18.63 -4.67 0.90
CA ILE A 83 -17.17 -4.83 0.65
C ILE A 83 -16.45 -5.23 1.95
N LYS A 84 -16.68 -4.46 3.00
CA LYS A 84 -16.07 -4.66 4.31
C LYS A 84 -16.33 -6.01 4.92
N GLU A 85 -17.55 -6.53 4.74
CA GLU A 85 -17.92 -7.76 5.41
C GLU A 85 -17.78 -9.02 4.58
N GLN A 86 -17.91 -8.92 3.26
CA GLN A 86 -17.84 -10.11 2.40
C GLN A 86 -16.76 -10.11 1.32
N VAL A 87 -16.31 -8.96 0.84
CA VAL A 87 -15.40 -8.94 -0.30
C VAL A 87 -13.95 -8.84 0.11
N VAL A 88 -13.60 -7.79 0.88
CA VAL A 88 -12.25 -7.64 1.43
C VAL A 88 -12.39 -7.49 2.95
N PRO A 89 -12.87 -8.51 3.65
CA PRO A 89 -13.03 -8.38 5.11
C PRO A 89 -11.71 -8.48 5.86
N ASP A 90 -10.71 -9.09 5.24
CA ASP A 90 -9.41 -9.25 5.89
C ASP A 90 -8.29 -9.19 4.86
N TYR A 91 -7.07 -9.13 5.33
CA TYR A 91 -5.86 -9.07 4.48
C TYR A 91 -6.04 -7.97 3.47
N LEU A 92 -6.29 -6.76 3.97
CA LEU A 92 -6.56 -5.63 3.07
C LEU A 92 -5.43 -5.34 2.10
N CYS A 93 -4.15 -5.43 2.50
CA CYS A 93 -3.07 -5.12 1.57
C CYS A 93 -2.87 -6.23 0.51
N ALA A 94 -3.50 -7.39 0.71
CA ALA A 94 -3.52 -8.52 -0.25
C ALA A 94 -4.81 -8.51 -1.05
N ALA A 95 -5.69 -7.50 -0.85
CA ALA A 95 -7.05 -7.45 -1.40
C ALA A 95 -7.81 -8.77 -1.03
N GLY A 96 -7.56 -9.29 0.17
CA GLY A 96 -8.20 -10.52 0.63
C GLY A 96 -7.76 -11.84 0.07
N ALA A 97 -6.70 -11.88 -0.77
CA ALA A 97 -6.25 -13.12 -1.45
C ALA A 97 -5.49 -13.98 -0.50
N ASP A 98 -6.10 -15.07 -0.06
CA ASP A 98 -5.45 -15.97 0.90
C ASP A 98 -5.58 -17.46 0.53
N THR A 99 -5.59 -17.79 -0.76
CA THR A 99 -5.68 -19.20 -1.20
C THR A 99 -4.57 -19.52 -2.17
N TRP A 100 -3.42 -20.03 -1.69
CA TRP A 100 -2.30 -20.31 -2.59
C TRP A 100 -2.61 -21.32 -3.69
N ARG A 101 -3.56 -22.24 -3.48
CA ARG A 101 -3.90 -23.27 -4.48
C ARG A 101 -4.84 -22.78 -5.54
N ILE A 102 -5.52 -21.62 -5.34
CA ILE A 102 -6.51 -21.13 -6.30
C ILE A 102 -6.07 -19.80 -6.91
N ARG A 103 -5.78 -19.81 -8.24
CA ARG A 103 -5.38 -18.62 -8.97
C ARG A 103 -6.39 -18.34 -10.09
N PRO A 104 -6.93 -17.12 -10.21
CA PRO A 104 -6.77 -15.96 -9.31
C PRO A 104 -7.56 -16.22 -8.02
N PHE A 105 -7.24 -15.58 -6.87
CA PHE A 105 -6.22 -14.53 -6.72
C PHE A 105 -5.00 -14.97 -5.94
N GLY A 106 -4.85 -16.27 -5.72
CA GLY A 106 -3.67 -16.80 -5.04
C GLY A 106 -3.64 -16.41 -3.59
N ASP A 107 -2.44 -16.34 -3.03
CA ASP A 107 -2.20 -15.93 -1.66
C ASP A 107 -1.21 -14.78 -1.69
N LYS A 108 -1.66 -13.59 -1.34
CA LYS A 108 -0.80 -12.39 -1.30
C LYS A 108 -0.68 -11.90 0.13
N THR A 109 -0.97 -12.76 1.13
CA THR A 109 -1.00 -12.35 2.54
C THR A 109 0.32 -11.90 3.15
N GLY A 110 1.43 -12.24 2.50
CA GLY A 110 2.73 -11.78 2.93
C GLY A 110 2.77 -10.28 2.92
N MET A 111 2.02 -9.63 1.99
CA MET A 111 2.00 -8.17 1.91
C MET A 111 1.24 -7.49 3.05
N ASP A 112 0.55 -8.26 3.86
CA ASP A 112 -0.20 -7.70 4.96
C ASP A 112 0.49 -7.94 6.30
N ILE A 113 1.76 -8.37 6.30
CA ILE A 113 2.47 -8.52 7.54
C ILE A 113 2.66 -7.11 8.18
N VAL A 114 2.75 -7.09 9.49
CA VAL A 114 2.93 -5.85 10.23
C VAL A 114 4.44 -5.58 10.35
N GLY A 115 4.82 -4.33 10.38
CA GLY A 115 6.23 -3.98 10.55
C GLY A 115 6.61 -2.70 9.88
N SER A 116 7.92 -2.46 9.79
CA SER A 116 8.51 -1.20 9.30
C SER A 116 8.55 -1.10 7.79
N TRP A 117 7.38 -1.20 7.15
CA TRP A 117 7.28 -1.02 5.71
C TRP A 117 7.79 0.37 5.31
N PRO A 118 8.74 0.44 4.37
CA PRO A 118 9.31 1.73 3.99
C PRO A 118 8.30 2.66 3.35
N PRO A 119 8.17 3.87 3.90
CA PRO A 119 7.19 4.80 3.36
C PRO A 119 7.78 5.79 2.36
N THR A 120 6.89 6.39 1.60
CA THR A 120 7.20 7.58 0.81
C THR A 120 7.23 8.72 1.83
N VAL A 121 8.34 9.46 1.91
CA VAL A 121 8.48 10.62 2.82
C VAL A 121 8.02 11.89 2.12
N ILE A 122 6.93 12.53 2.63
CA ILE A 122 6.33 13.73 2.06
C ILE A 122 6.73 14.93 2.91
N PRO A 123 7.59 15.80 2.38
CA PRO A 123 8.08 16.92 3.19
C PRO A 123 7.03 17.99 3.33
N LEU A 124 6.90 18.62 4.50
CA LEU A 124 5.92 19.68 4.69
C LEU A 124 6.63 21.02 4.62
N GLU A 125 5.99 22.02 4.07
CA GLU A 125 6.55 23.38 4.10
C GLU A 125 6.01 24.11 5.34
N ASN A 126 4.85 23.66 5.86
CA ASN A 126 4.16 24.24 7.00
C ASN A 126 3.62 23.06 7.86
N ASN A 127 3.99 23.01 9.13
CA ASN A 127 3.58 21.91 10.02
C ASN A 127 2.19 22.04 10.62
N PHE A 128 1.54 23.20 10.48
CA PHE A 128 0.21 23.47 11.06
C PHE A 128 -0.96 23.18 10.16
N VAL A 129 -0.72 22.96 8.89
CA VAL A 129 -1.77 22.64 7.91
C VAL A 129 -2.34 21.26 8.15
N ASN A 130 -3.67 21.10 8.11
CA ASN A 130 -4.29 19.82 8.42
C ASN A 130 -4.70 18.99 7.21
N THR A 131 -4.66 19.55 6.01
CA THR A 131 -4.94 18.80 4.78
C THR A 131 -3.83 19.07 3.82
N ILE A 132 -3.18 18.01 3.33
CA ILE A 132 -2.09 18.12 2.41
C ILE A 132 -2.55 17.52 1.08
N PRO A 133 -2.75 18.30 0.04
CA PRO A 133 -3.14 17.71 -1.25
C PRO A 133 -1.98 16.94 -1.89
N ILE A 134 -2.23 15.70 -2.26
CA ILE A 134 -1.24 14.85 -2.94
C ILE A 134 -1.80 14.55 -4.34
N GLU A 135 -1.00 14.68 -5.41
CA GLU A 135 -1.54 14.27 -6.70
C GLU A 135 -1.20 12.80 -6.83
N LEU A 136 -2.14 11.95 -6.54
CA LEU A 136 -1.89 10.51 -6.60
C LEU A 136 -1.86 10.08 -8.05
N GLU A 137 -0.91 9.23 -8.43
CA GLU A 137 -0.92 8.68 -9.79
C GLU A 137 -1.20 7.20 -9.70
N PHE A 138 -2.19 6.73 -10.42
CA PHE A 138 -2.53 5.31 -10.51
C PHE A 138 -2.19 4.89 -11.94
N CYS A 139 -1.43 3.79 -12.04
CA CYS A 139 -0.88 3.26 -13.28
C CYS A 139 -1.72 2.06 -13.77
N PRO A 140 -2.66 2.26 -14.71
CA PRO A 140 -3.50 1.16 -15.19
C PRO A 140 -2.75 0.31 -16.21
N THR A 141 -2.81 -1.01 -16.07
CA THR A 141 -2.22 -1.92 -17.06
C THR A 141 -3.27 -2.49 -18.02
N ALA A 142 -4.53 -2.20 -17.77
CA ALA A 142 -5.67 -2.51 -18.62
C ALA A 142 -6.68 -1.40 -18.40
N ILE A 143 -7.38 -0.98 -19.44
CA ILE A 143 -8.38 0.09 -19.33
C ILE A 143 -9.75 -0.53 -19.23
N HIS A 144 -10.27 -0.51 -18.02
CA HIS A 144 -11.55 -1.05 -17.66
C HIS A 144 -12.40 0.14 -17.25
N GLU A 145 -13.29 0.60 -18.12
CA GLU A 145 -14.22 1.70 -17.87
C GLU A 145 -15.62 1.16 -18.20
N PRO A 146 -16.65 1.55 -17.47
CA PRO A 146 -16.71 2.58 -16.43
C PRO A 146 -16.17 2.09 -15.08
N SER A 147 -15.61 3.01 -14.30
CA SER A 147 -15.05 2.68 -13.00
C SER A 147 -14.94 3.93 -12.17
N TYR A 148 -14.58 3.75 -10.89
CA TYR A 148 -14.40 4.87 -9.99
C TYR A 148 -13.36 4.55 -8.94
N PHE A 149 -12.87 5.57 -8.29
CA PHE A 149 -11.83 5.44 -7.27
C PHE A 149 -12.33 5.92 -5.93
N GLU A 150 -11.97 5.18 -4.88
CA GLU A 150 -12.13 5.58 -3.51
C GLU A 150 -10.74 5.53 -2.86
N VAL A 151 -10.42 6.55 -2.05
CA VAL A 151 -9.17 6.58 -1.32
C VAL A 151 -9.44 6.77 0.15
N TYR A 152 -8.79 5.95 0.96
CA TYR A 152 -8.93 5.99 2.40
C TYR A 152 -7.60 6.25 3.02
N VAL A 153 -7.57 6.80 4.22
CA VAL A 153 -6.33 7.00 4.98
C VAL A 153 -6.55 6.39 6.38
N THR A 154 -5.49 5.85 6.95
CA THR A 154 -5.61 5.30 8.28
C THR A 154 -5.95 6.41 9.29
N THR A 155 -6.71 6.04 10.29
CA THR A 155 -7.11 6.90 11.41
C THR A 155 -5.86 7.30 12.22
N PRO A 156 -5.88 8.44 12.96
CA PRO A 156 -4.62 8.89 13.61
C PRO A 156 -3.95 7.92 14.56
N GLU A 157 -4.74 7.02 15.16
CA GLU A 157 -4.21 6.06 16.11
C GLU A 157 -3.48 4.87 15.48
N PHE A 158 -3.61 4.68 14.16
CA PHE A 158 -2.98 3.54 13.50
C PHE A 158 -1.47 3.54 13.75
N ASN A 159 -0.93 2.38 14.03
CA ASN A 159 0.50 2.19 14.28
C ASN A 159 0.98 1.10 13.36
N VAL A 160 1.84 1.46 12.37
CA VAL A 160 2.33 0.48 11.35
C VAL A 160 3.15 -0.65 11.97
N TYR A 161 3.77 -0.40 13.12
CA TYR A 161 4.56 -1.41 13.80
C TYR A 161 3.73 -2.47 14.51
N ARG A 162 2.44 -2.18 14.74
CA ARG A 162 1.57 -3.05 15.51
C ARG A 162 0.32 -3.53 14.86
N ASP A 163 -0.28 -2.72 14.03
CA ASP A 163 -1.62 -2.94 13.55
C ASP A 163 -1.72 -3.39 12.11
N LYS A 164 -2.72 -4.24 11.85
CA LYS A 164 -3.12 -4.57 10.49
C LYS A 164 -3.95 -3.39 9.96
N VAL A 165 -3.87 -3.14 8.66
CA VAL A 165 -4.76 -2.20 7.99
C VAL A 165 -6.14 -2.91 7.96
N THR A 166 -7.18 -2.33 8.58
CA THR A 166 -8.51 -2.93 8.63
C THR A 166 -9.53 -1.81 8.47
N TRP A 167 -10.73 -2.14 8.01
CA TRP A 167 -11.74 -1.12 7.70
C TRP A 167 -12.12 -0.17 8.86
N PRO A 168 -12.27 -0.64 10.11
CA PRO A 168 -12.53 0.32 11.21
C PRO A 168 -11.37 1.27 11.52
N LEU A 169 -10.17 1.04 10.93
CA LEU A 169 -9.04 1.97 11.10
C LEU A 169 -8.85 2.84 9.87
N LEU A 170 -9.82 2.86 8.94
CA LEU A 170 -9.72 3.66 7.69
C LEU A 170 -10.83 4.68 7.60
N GLU A 171 -10.50 5.84 7.07
CA GLU A 171 -11.42 6.94 6.85
C GLU A 171 -11.42 7.31 5.38
N LEU A 172 -12.59 7.52 4.82
CA LEU A 172 -12.74 7.90 3.40
C LEU A 172 -12.32 9.34 3.19
N VAL A 173 -11.42 9.57 2.23
CA VAL A 173 -10.96 10.91 1.89
C VAL A 173 -11.29 11.33 0.45
N PHE A 174 -11.65 10.40 -0.42
CA PHE A 174 -11.86 10.70 -1.83
C PHE A 174 -12.79 9.67 -2.42
N ASN A 175 -13.73 10.10 -3.25
CA ASN A 175 -14.63 9.21 -3.90
C ASN A 175 -15.10 9.86 -5.18
N SER A 176 -14.57 9.43 -6.34
CA SER A 176 -14.92 10.07 -7.61
C SER A 176 -14.53 9.23 -8.81
N THR A 177 -15.21 9.50 -9.93
CA THR A 177 -14.79 8.97 -11.21
C THR A 177 -13.64 9.90 -11.56
N VAL A 178 -12.64 9.39 -12.25
CA VAL A 178 -11.40 10.10 -12.58
C VAL A 178 -11.13 9.92 -14.08
N PRO A 179 -10.81 11.00 -14.83
CA PRO A 179 -10.52 10.82 -16.26
C PRO A 179 -9.14 10.22 -16.50
N LEU A 180 -9.02 9.43 -17.58
CA LEU A 180 -7.77 8.89 -18.06
C LEU A 180 -7.04 10.00 -18.78
N VAL A 181 -5.81 10.26 -18.40
CA VAL A 181 -4.99 11.35 -18.95
C VAL A 181 -3.65 10.85 -19.40
N ASN A 182 -2.98 11.62 -20.27
CA ASN A 182 -1.62 11.29 -20.70
C ASN A 182 -0.67 11.42 -19.52
N ARG A 183 0.22 10.44 -19.36
CA ARG A 183 1.23 10.52 -18.33
C ARG A 183 2.19 11.66 -18.65
N ARG A 184 2.75 12.28 -17.63
CA ARG A 184 3.73 13.34 -17.88
C ARG A 184 5.10 12.70 -18.16
N ALA A 185 6.03 13.52 -18.65
CA ALA A 185 7.39 13.09 -18.95
C ALA A 185 8.13 12.59 -17.72
N ASP A 186 7.74 13.05 -16.52
CA ASP A 186 8.38 12.61 -15.29
C ASP A 186 7.74 11.38 -14.66
N SER A 187 6.72 10.79 -15.30
CA SER A 187 6.10 9.60 -14.71
C SER A 187 7.15 8.42 -14.91
N LEU A 188 7.40 7.40 -14.09
CA LEU A 188 6.81 6.77 -12.94
C LEU A 188 6.04 5.50 -13.45
N CYS A 189 4.99 5.72 -14.25
CA CYS A 189 4.19 4.65 -14.82
C CYS A 189 4.80 4.27 -16.17
N THR A 190 5.73 3.31 -16.21
CA THR A 190 6.33 2.89 -17.49
C THR A 190 5.42 1.95 -18.25
N ALA A 191 4.47 1.34 -17.56
CA ALA A 191 3.58 0.34 -18.14
C ALA A 191 2.49 0.89 -19.03
N ASN A 192 2.24 2.19 -18.99
CA ASN A 192 1.20 2.73 -19.84
C ASN A 192 1.50 4.18 -20.18
N ALA A 193 1.08 4.63 -21.35
CA ALA A 193 1.23 6.03 -21.78
C ALA A 193 0.19 6.89 -21.11
N ARG A 194 -0.87 6.29 -20.52
CA ARG A 194 -1.96 7.03 -19.89
C ARG A 194 -2.12 6.56 -18.45
N VAL A 195 -2.54 7.47 -17.60
CA VAL A 195 -2.68 7.22 -16.16
C VAL A 195 -3.95 7.85 -15.64
N TYR A 196 -4.26 7.58 -14.38
CA TYR A 196 -5.33 8.27 -13.65
C TYR A 196 -4.66 9.07 -12.55
N ARG A 197 -4.75 10.40 -12.62
CA ARG A 197 -4.21 11.27 -11.60
C ARG A 197 -5.36 11.90 -10.85
N MET A 198 -5.28 11.97 -9.54
CA MET A 198 -6.37 12.54 -8.73
C MET A 198 -5.75 13.26 -7.55
N ILE A 199 -6.31 14.41 -7.18
CA ILE A 199 -5.83 15.18 -6.03
C ILE A 199 -6.53 14.63 -4.82
N VAL A 200 -5.75 14.03 -3.92
CA VAL A 200 -6.26 13.43 -2.71
C VAL A 200 -5.95 14.35 -1.52
N PRO A 201 -6.97 14.80 -0.78
CA PRO A 201 -6.71 15.64 0.42
C PRO A 201 -6.33 14.74 1.58
N VAL A 202 -5.02 14.61 1.83
CA VAL A 202 -4.55 13.70 2.87
C VAL A 202 -4.52 14.45 4.19
N PRO A 203 -5.18 13.93 5.25
CA PRO A 203 -5.12 14.60 6.55
C PRO A 203 -3.72 14.51 7.13
N TYR A 204 -3.33 15.57 7.81
CA TYR A 204 -2.05 15.61 8.47
C TYR A 204 -1.91 14.46 9.47
N ARG A 205 -0.70 13.96 9.59
CA ARG A 205 -0.30 12.92 10.53
C ARG A 205 1.10 13.22 11.00
N GLN A 206 1.43 12.89 12.25
CA GLN A 206 2.81 12.98 12.72
C GLN A 206 3.35 11.55 12.91
N THR A 207 2.62 10.54 12.38
CA THR A 207 3.00 9.16 12.44
C THR A 207 3.01 8.59 11.02
N GLN A 208 3.64 7.43 10.85
CA GLN A 208 3.61 6.74 9.57
C GLN A 208 2.20 6.21 9.39
N PHE A 209 1.66 6.35 8.17
CA PHE A 209 0.25 6.01 7.90
C PHE A 209 0.12 5.24 6.59
N VAL A 210 -1.08 4.78 6.33
CA VAL A 210 -1.35 4.05 5.11
C VAL A 210 -2.48 4.76 4.37
N ILE A 211 -2.29 4.87 3.05
CA ILE A 211 -3.28 5.35 2.09
C ILE A 211 -3.76 4.07 1.39
N TYR A 212 -5.06 3.83 1.39
CA TYR A 212 -5.62 2.61 0.82
C TYR A 212 -6.47 3.02 -0.36
N VAL A 213 -6.04 2.59 -1.55
CA VAL A 213 -6.66 2.96 -2.81
C VAL A 213 -7.49 1.82 -3.36
N ARG A 214 -8.73 2.15 -3.73
CA ARG A 214 -9.66 1.19 -4.30
C ARG A 214 -10.06 1.69 -5.68
N TRP A 215 -9.83 0.87 -6.72
CA TRP A 215 -10.27 1.18 -8.08
C TRP A 215 -11.35 0.17 -8.37
N GLN A 216 -12.63 0.60 -8.45
CA GLN A 216 -13.74 -0.32 -8.60
C GLN A 216 -14.37 -0.22 -9.99
N ARG A 217 -14.53 -1.33 -10.66
CA ARG A 217 -15.22 -1.37 -11.95
C ARG A 217 -16.72 -1.29 -11.72
N ILE A 218 -17.41 -0.46 -12.51
CA ILE A 218 -18.86 -0.29 -12.42
C ILE A 218 -19.37 -1.31 -13.37
N ASP A 219 -19.60 -2.49 -12.86
CA ASP A 219 -19.88 -3.65 -13.67
C ASP A 219 -20.57 -4.76 -12.86
N PRO A 220 -21.37 -5.69 -13.46
CA PRO A 220 -21.99 -6.75 -12.63
C PRO A 220 -21.10 -7.75 -11.90
N VAL A 221 -19.91 -8.07 -12.43
CA VAL A 221 -18.98 -8.99 -11.76
C VAL A 221 -18.27 -8.22 -10.58
N GLY A 222 -18.17 -6.91 -10.71
CA GLY A 222 -17.68 -6.01 -9.69
C GLY A 222 -16.26 -6.24 -9.27
N GLU A 223 -15.36 -6.39 -10.24
CA GLU A 223 -13.96 -6.57 -9.90
C GLU A 223 -13.42 -5.23 -9.43
N GLY A 224 -12.71 -5.25 -8.30
CA GLY A 224 -12.10 -4.05 -7.75
C GLY A 224 -10.66 -4.33 -7.40
N PHE A 225 -9.82 -3.30 -7.45
CA PHE A 225 -8.37 -3.37 -7.15
C PHE A 225 -8.10 -2.55 -5.92
N TYR A 226 -7.32 -3.11 -5.02
CA TYR A 226 -7.04 -2.54 -3.71
C TYR A 226 -5.54 -2.52 -3.46
N ASN A 227 -4.98 -1.37 -3.08
CA ASN A 227 -3.56 -1.25 -2.79
C ASN A 227 -3.30 -0.46 -1.55
N CYS A 228 -2.37 -0.97 -0.73
CA CYS A 228 -1.83 -0.24 0.42
C CYS A 228 -0.66 0.58 -0.05
N VAL A 229 -0.59 1.84 0.42
CA VAL A 229 0.46 2.78 0.10
C VAL A 229 1.02 3.31 1.41
N ASP A 230 2.30 3.03 1.71
CA ASP A 230 2.96 3.48 2.93
C ASP A 230 3.47 4.91 2.74
N ALA A 231 3.16 5.76 3.72
CA ALA A 231 3.60 7.16 3.68
C ALA A 231 3.83 7.75 5.07
N VAL A 232 4.56 8.85 5.11
CA VAL A 232 4.82 9.61 6.33
C VAL A 232 5.14 11.04 5.92
N PHE A 233 4.75 12.00 6.76
CA PHE A 233 5.09 13.37 6.55
C PHE A 233 6.36 13.70 7.29
N ALA A 234 7.24 14.47 6.68
CA ALA A 234 8.41 14.97 7.39
C ALA A 234 8.11 16.42 7.81
N ASN A 235 7.95 16.62 9.13
CA ASN A 235 7.69 17.95 9.70
C ASN A 235 8.91 18.79 9.47
N ARG A 236 8.71 20.05 9.15
CA ARG A 236 9.83 20.97 8.89
C ARG A 236 10.52 21.26 10.22
N PRO A 237 11.86 21.24 10.25
CA PRO A 237 12.57 21.54 11.52
C PRO A 237 12.62 23.01 11.84
N GLY A 238 12.99 23.30 13.08
CA GLY A 238 13.14 24.66 13.57
C GLY A 238 11.97 25.16 14.36
N PRO A 239 12.08 26.41 14.86
CA PRO A 239 10.99 26.98 15.68
C PRO A 239 9.83 27.41 14.82
N ASP A 240 8.65 27.41 15.41
CA ASP A 240 7.45 27.93 14.78
C ASP A 240 7.71 29.43 14.48
N PRO A 241 7.77 29.85 13.19
CA PRO A 241 8.04 31.29 12.90
C PRO A 241 7.06 32.26 13.56
N GLU A 242 5.83 31.82 13.82
CA GLU A 242 4.81 32.63 14.51
C GLU A 242 5.13 32.83 16.02
N ASP A 243 5.98 31.98 16.63
CA ASP A 243 6.40 32.16 18.02
C ASP A 243 7.49 33.26 18.04
N MET A 244 8.40 33.30 17.04
CA MET A 244 9.58 34.15 16.95
C MET A 244 9.38 35.67 16.94
N ILE A 245 10.11 36.35 17.84
CA ILE A 245 10.06 37.81 17.95
C ILE A 245 11.12 38.31 16.99
N PRO A 246 10.78 39.21 16.06
CA PRO A 246 11.79 39.72 15.14
C PRO A 246 12.80 40.63 15.85
N PRO A 247 14.02 40.76 15.28
CA PRO A 247 14.97 41.72 15.87
C PRO A 247 14.53 43.15 15.59
N PRO A 248 15.04 44.15 16.32
CA PRO A 248 14.58 45.53 16.08
C PRO A 248 14.96 46.09 14.71
N ILE A 323 30.55 10.47 21.99
CA ILE A 323 29.43 10.66 22.92
C ILE A 323 28.95 9.30 23.50
N ALA A 324 29.13 9.09 24.82
CA ALA A 324 28.66 7.87 25.49
C ALA A 324 27.18 8.01 25.96
N TYR A 325 26.45 9.02 25.44
CA TYR A 325 25.06 9.28 25.78
C TYR A 325 24.17 8.16 25.21
N ALA A 326 24.47 7.68 23.96
CA ALA A 326 23.73 6.56 23.35
C ALA A 326 23.95 5.28 24.18
N GLY A 327 25.20 5.02 24.56
CA GLY A 327 25.55 3.89 25.41
C GLY A 327 24.84 3.99 26.75
N TYR A 328 24.82 5.20 27.31
CA TYR A 328 24.10 5.44 28.57
C TYR A 328 22.63 5.12 28.38
N THR A 329 22.04 5.67 27.29
CA THR A 329 20.61 5.45 27.01
C THR A 329 20.30 3.95 26.95
N GLU A 330 21.17 3.20 26.30
CA GLU A 330 21.00 1.74 26.18
C GLU A 330 21.11 0.97 27.50
N ASP A 331 22.00 1.39 28.40
CA ASP A 331 22.22 0.68 29.65
C ASP A 331 21.15 0.97 30.69
N HIS A 332 20.47 2.11 30.58
CA HIS A 332 19.52 2.55 31.60
C HIS A 332 18.06 2.64 31.19
N THR A 333 17.68 1.98 30.10
CA THR A 333 16.27 1.90 29.67
C THR A 333 15.87 0.44 29.46
N GLY A 334 14.61 0.14 29.73
CA GLY A 334 14.04 -1.20 29.60
C GLY A 334 14.53 -2.22 30.60
N LEU A 335 14.27 -3.51 30.30
CA LEU A 335 14.71 -4.69 31.07
C LEU A 335 14.63 -4.57 32.59
C1 NAG B . -18.93 6.78 -3.32
C2 NAG B . -19.68 6.09 -2.19
C3 NAG B . -20.79 5.23 -2.80
C4 NAG B . -21.69 6.07 -3.69
C5 NAG B . -20.84 6.81 -4.73
C6 NAG B . -21.63 7.76 -5.60
C7 NAG B . -18.66 5.33 -0.11
C8 NAG B . -17.60 4.45 0.51
N2 NAG B . -18.76 5.27 -1.43
O3 NAG B . -21.53 4.59 -1.76
O4 NAG B . -22.61 5.23 -4.37
O5 NAG B . -19.87 7.60 -4.04
O6 NAG B . -22.34 8.72 -4.83
O7 NAG B . -19.39 6.05 0.57
H2 NAG B . -20.16 6.85 -1.57
H3 NAG B . -20.35 4.45 -3.42
H4 NAG B . -22.19 6.80 -3.05
H5 NAG B . -20.36 6.09 -5.38
H61 NAG B . -22.41 7.22 -6.13
H62 NAG B . -21.01 8.25 -6.35
H81 NAG B . -17.80 4.22 1.55
H82 NAG B . -16.63 4.93 0.47
H83 NAG B . -17.50 3.51 -0.03
HN2 NAG B . -18.20 4.60 -1.95
HO3 NAG B . -21.28 3.63 -1.78
HO6 NAG B . -21.71 9.14 -4.20
C1 NAG B . -23.88 5.05 -3.81
C2 NAG B . -24.88 4.81 -4.93
C3 NAG B . -26.25 4.55 -4.32
C4 NAG B . -26.19 3.37 -3.36
C5 NAG B . -25.07 3.54 -2.34
C6 NAG B . -24.80 2.29 -1.56
C7 NAG B . -24.61 5.89 -7.15
C8 NAG B . -24.67 7.19 -7.89
N2 NAG B . -24.93 5.95 -5.84
O3 NAG B . -27.15 4.22 -5.39
O4 NAG B . -27.40 3.29 -2.63
O5 NAG B . -23.83 3.88 -3.00
O6 NAG B . -24.09 2.57 -0.36
O7 NAG B . -24.31 4.83 -7.70
H2 NAG B . -24.59 3.91 -5.47
H3 NAG B . -26.63 5.42 -3.79
H4 NAG B . -25.99 2.47 -3.95
H5 NAG B . -25.32 4.33 -1.63
H61 NAG B . -24.14 1.62 -2.11
H62 NAG B . -25.70 1.72 -1.34
H81 NAG B . -24.08 7.18 -8.82
H82 NAG B . -24.30 8.02 -7.29
H83 NAG B . -25.69 7.44 -8.16
HN2 NAG B . -25.22 6.83 -5.43
HO3 NAG B . -28.06 4.45 -5.05
HO6 NAG B . -23.41 3.28 -0.56
C1 BMA B . -28.30 2.21 -2.86
C2 BMA B . -29.08 1.96 -1.58
C3 BMA B . -30.10 0.85 -1.79
C4 BMA B . -30.99 1.13 -2.99
C5 BMA B . -30.17 1.50 -4.23
C6 BMA B . -31.01 2.03 -5.37
O2 BMA B . -29.74 3.16 -1.20
O3 BMA B . -30.90 0.70 -0.62
O4 BMA B . -31.78 -0.03 -3.26
O5 BMA B . -29.22 2.53 -3.91
O6 BMA B . -30.47 1.66 -6.63
H2 BMA B . -28.39 1.65 -0.80
H3 BMA B . -29.62 -0.13 -1.86
H4 BMA B . -31.66 1.96 -2.77
H5 BMA B . -29.62 0.61 -4.56
H61 BMA B . -31.17 3.09 -5.28
H62 BMA B . -31.99 1.56 -5.35
HO2 BMA B . -30.38 2.93 -0.49
HO3 BMA B . -31.56 -0.02 -0.77
HO4 BMA B . -31.55 -0.44 -4.14
HO6 BMA B . -30.96 2.18 -7.31
C1 EDO C . 7.27 12.30 11.35
O1 EDO C . 5.99 12.82 11.05
C2 EDO C . 8.14 13.40 12.01
O2 EDO C . 8.26 14.53 11.15
H11 EDO C . 7.77 11.88 10.47
H12 EDO C . 7.09 11.47 12.04
HO1 EDO C . 5.88 12.78 10.06
H21 EDO C . 7.66 13.79 12.91
H22 EDO C . 9.11 13.01 12.33
HO2 EDO C . 9.13 14.95 11.40
C1 EDO D . 12.95 -1.83 7.12
O1 EDO D . 12.66 -3.11 7.59
C2 EDO D . 13.32 -1.89 5.62
O2 EDO D . 12.41 -2.76 4.93
H11 EDO D . 13.75 -1.36 7.71
H12 EDO D . 12.05 -1.23 7.28
HO1 EDO D . 11.73 -3.11 7.92
H21 EDO D . 13.22 -0.92 5.14
H22 EDO D . 14.37 -2.18 5.51
HO2 EDO D . 11.49 -2.42 5.13
C1 EDO E . 1.67 21.47 3.29
O1 EDO E . 2.46 21.69 4.47
C2 EDO E . 2.42 20.56 2.29
O2 EDO E . 3.76 20.99 2.23
H11 EDO E . 1.37 22.40 2.82
H12 EDO E . 0.76 20.98 3.64
HO1 EDO E . 3.21 21.05 4.46
H21 EDO E . 2.45 19.53 2.64
H22 EDO E . 1.92 20.56 1.32
HO2 EDO E . 4.25 20.29 1.72
C1 EDO F . 7.84 31.17 23.83
O1 EDO F . 7.52 30.89 25.15
C2 EDO F . 6.67 31.89 23.14
O2 EDO F . 5.45 31.23 23.39
H11 EDO F . 8.76 31.73 23.74
H12 EDO F . 8.02 30.18 23.40
HO1 EDO F . 6.92 30.09 25.12
H21 EDO F . 6.51 32.88 23.56
H22 EDO F . 6.89 32.01 22.09
HO2 EDO F . 4.94 31.77 24.05
#